data_9BE0
#
_entry.id   9BE0
#
_cell.length_a   46.857
_cell.length_b   46.850
_cell.length_c   99.289
_cell.angle_alpha   90.14
_cell.angle_beta   90.20
_cell.angle_gamma   60.02
#
_symmetry.space_group_name_H-M   'P 1'
#
loop_
_entity.id
_entity.type
_entity.pdbx_description
1 polymer "DNA (5'-D(*CP*GP*GP*GP*AP*AP*GP*TP*TP*CP*CP*GP*CP*GP*GP*AP*AP*CP*TP*TP*CP*CP*CP*G)-3')"
2 polymer "DNA (5'-D(*CP*GP*GP*GP*AP*AP*GP*TP*TP*CP*CP*GP*CP*GP*GP*AP*AP*CP*TP*TP*CP*CP*CP*G)-3')"
3 non-polymer 'ZINC ION'
4 non-polymer 'ACETATE ION'
5 water water
#
loop_
_entity_poly.entity_id
_entity_poly.type
_entity_poly.pdbx_seq_one_letter_code
_entity_poly.pdbx_strand_id
1 'polydeoxyribonucleotide' (DC)(DG)(DG)(DG)(DA)(DA)(DG)(DT)(DT)(DC)(DC)(DG) A,E,G,I,K,N,Y,W,U,S,Q,M
2 'polydeoxyribonucleotide' (DC)(DG)(DG)(DA)(DA)(DC)(DT)(DT)(DC)(DC)(DC)(DG) O,R,V,Z,c,e,g,i,k,m,o,q
#
loop_
_chem_comp.id
_chem_comp.type
_chem_comp.name
_chem_comp.formula
ACT non-polymer 'ACETATE ION' 'C2 H3 O2 -1'
DA DNA linking 2'-DEOXYADENOSINE-5'-MONOPHOSPHATE 'C10 H14 N5 O6 P'
DC DNA linking 2'-DEOXYCYTIDINE-5'-MONOPHOSPHATE 'C9 H14 N3 O7 P'
DG DNA linking 2'-DEOXYGUANOSINE-5'-MONOPHOSPHATE 'C10 H14 N5 O7 P'
DT DNA linking THYMIDINE-5'-MONOPHOSPHATE 'C10 H15 N2 O8 P'
ZN non-polymer 'ZINC ION' 'Zn 2'
#
# COMPACT_ATOMS: atom_id res chain seq x y z
ZN ZN Y . 9.33 -6.51 -21.94
ZN ZN Z . 5.22 -5.67 -19.25
ZN ZN AA . 19.59 -11.51 -51.96
ZN ZN BA . 19.09 -22.06 -35.07
ZN ZN CA . 18.56 -24.09 -39.55
ZN ZN DA . 3.39 -18.69 -7.45
ZN ZN EA . 24.48 -9.51 -34.69
ZN ZN FA . -5.01 -2.09 8.86
ZN ZN GA . -6.05 1.82 11.77
ZN ZN HA . 16.40 -13.00 -12.43
C ACT IA . 12.02 -15.83 -7.72
O ACT IA . 12.25 -16.64 -8.65
OXT ACT IA . 10.86 -15.39 -7.40
CH3 ACT IA . 13.22 -15.34 -6.92
ZN ZN JA . 10.36 -16.51 -9.35
C ACT KA . 10.06 -19.26 -9.42
O ACT KA . 9.94 -19.04 -8.18
OXT ACT KA . 10.24 -18.36 -10.27
CH3 ACT KA . 9.96 -20.72 -9.91
ZN ZN LA . 0.15 -7.36 -16.60
ZN ZN MA . -21.83 8.28 7.10
ZN ZN NA . 1.39 -16.74 -3.12
ZN ZN OA . -2.89 -8.08 -12.75
ZN ZN PA . -20.65 0.83 6.52
C ACT QA . -22.24 -0.42 7.90
O ACT QA . -21.91 0.69 8.41
OXT ACT QA . -21.88 -0.81 6.75
CH3 ACT QA . -23.15 -1.36 8.72
C ACT RA . -21.58 1.69 4.38
O ACT RA . -20.45 1.10 4.34
OXT ACT RA . -22.32 1.75 5.40
CH3 ACT RA . -22.10 2.40 3.11
ZN ZN SA . -26.51 12.95 30.93
ZN ZN TA . -26.98 13.09 35.92
ZN ZN UA . -17.70 -6.18 6.71
ZN ZN VA . -16.62 25.89 42.27
ZN ZN WA . -19.81 26.85 35.46
ZN ZN XA . -11.02 10.79 14.68
ZN ZN YA . -8.03 7.37 12.73
ZN ZN ZA . -24.25 10.05 11.28
ZN ZN AB . -11.87 -15.39 -19.62
ZN ZN BB . -2.87 -31.57 -40.48
ZN ZN CB . 0.14 -34.95 -42.58
ZN ZN DB . -8.64 -16.31 -12.80
ZN ZN EB . -13.46 -18.02 -30.15
ZN ZN FB . -12.64 -41.55 -48.45
ZN ZN GB . -18.42 -29.32 -24.29
ZN ZN HB . -18.77 -29.28 -19.34
ZN ZN IB . -9.64 -48.50 -48.27
C ACT JB . -23.06 -20.61 18.48
O ACT JB . -23.14 -21.32 17.46
OXT ACT JB . -24.03 -19.96 18.99
CH3 ACT JB . -21.69 -20.51 19.13
ZN ZN KB . -24.91 -21.14 16.62
C ACT LB . -25.17 -23.72 16.30
O ACT LB . -25.05 -22.90 15.32
OXT ACT LB . -24.98 -23.41 17.50
CH3 ACT LB . -25.55 -25.19 16.02
ZN ZN MB . -16.26 -26.88 -9.23
ZN ZN NB . -16.66 -28.96 -13.78
ZN ZN OB . -31.92 -23.38 18.57
ZN ZN PB . -25.89 -11.31 3.92
ZN ZN QB . -30.05 -10.57 6.49
ZN ZN RB . -15.87 -16.24 -26.01
ZN ZN SB . -16.77 -19.77 9.47
ZN ZN TB . 8.57 19.92 19.48
ZN ZN UB . 8.79 22.04 23.84
ZN ZN VB . 0.21 28.12 50.22
ZN ZN WB . -6.37 25.54 51.68
ZN ZN XB . 12.87 33.74 13.82
ZN ZN YB . 8.60 29.34 42.38
ZN ZN ZB . 9.04 32.81 7.43
ZN ZN AC . -0.84 37.57 37.22
ZN ZN BC . -4.90 38.22 39.66
ZN ZN CC . -2.83 36.74 35.97
ZN ZN DC . 1.06 35.76 33.33
ZN ZN EC . 11.63 31.00 3.59
ZN ZN FC . 14.66 32.31 10.22
ZN ZN GC . 16.42 32.70 20.90
ZN ZN HC . -4.64 23.46 47.48
ZN ZN IC . 10.97 20.30 19.98
ZN ZN JC . 10.36 18.36 15.70
ZN ZN KC . 2.28 26.47 46.86
ZN ZN LC . 25.28 14.04 -9.41
ZN ZN MC . 22.33 17.16 -7.29
ZN ZN NC . 16.43 32.69 20.01
ZN ZN OC . 14.18 33.17 12.97
ZN ZN PC . 11.53 30.67 2.78
ZN ZN QC . 15.36 0.45 -14.75
ZN ZN RC . 6.74 19.64 9.08
ZN ZN SC . 6.48 19.62 13.82
ZN ZN TC . 12.34 7.32 -14.76
ZN ZN UC . 14.02 5.53 -18.22
ZN ZN VC . 8.22 17.91 10.08
ZN ZN WC . 8.86 17.75 5.32
ZN ZN XC . 17.33 -1.07 -19.05
ZN ZN YC . 15.86 31.41 9.43
ZN ZN ZC . 18.87 30.55 16.24
ZN ZN AD . 24.30 15.45 -11.19
ZN ZN BD . 27.18 12.15 -12.97
ZN ZN CD . 11.11 15.19 -14.39
ZN ZN DD . 12.77 7.39 -16.35
ZN ZN ED . 33.32 -0.92 -38.73
ZN ZN FD . 30.50 -1.37 -34.84
ZN ZN GD . 11.29 14.49 -14.83
ZN ZN HD . 17.84 -1.70 -19.37
ZN ZN ID . 49.51 -6.06 -33.98
ZN ZN JD . 28.09 4.54 -13.10
ZN ZN KD . 27.20 8.41 -10.47
ZN ZN LD . 43.80 -10.61 -31.95
ZN ZN MD . 29.23 6.55 -13.96
ZN ZN ND . 30.21 2.89 -16.88
ZN ZN OD . 45.67 -12.03 -35.58
ZN ZN PD . 51.43 -8.38 -37.98
ZN ZN QD . 36.26 -11.93 -28.90
ZN ZN RD . 13.59 13.03 -19.02
ZN ZN SD . 32.52 -3.27 -38.64
ZN ZN TD . 35.44 -2.51 -42.29
ZN ZN UD . 14.82 5.66 -19.76
ZN ZN VD . -38.17 -12.80 13.03
ZN ZN WD . -35.16 -12.21 9.10
ZN ZN XD . -57.25 3.48 33.10
ZN ZN YD . -40.35 -6.94 34.68
ZN ZN ZD . -41.33 -2.96 37.45
ZN ZN AE . -18.94 -17.62 13.53
ZN ZN BE . -50.97 -12.81 28.45
#